data_6G71
#
_entry.id   6G71
#
_cell.length_a   39.390
_cell.length_b   100.830
_cell.length_c   53.420
_cell.angle_alpha   90.00
_cell.angle_beta   97.85
_cell.angle_gamma   90.00
#
_symmetry.space_group_name_H-M   'P 1 21 1'
#
loop_
_entity.id
_entity.type
_entity.pdbx_description
1 polymer 'Cytochrome P450'
2 non-polymer 'PROTOPORPHYRIN IX'
3 non-polymer 'FE (III) ION'
4 non-polymer 1,2-ETHANEDIOL
5 water water
#
_entity_poly.entity_id   1
_entity_poly.type   'polypeptide(L)'
_entity_poly.pdbx_seq_one_letter_code
;MTAGLLEAPTADWVHLADLYQNPFPIFERLRSESPVAWVPEAGRYLITSYSGVLAADVDQTTFSANEKKSLMLRAMGHSM
LRKDDPDHQVERRAWQPSLKPGTVKKVWKQKFAENADRYLDAYIDAGSGSDFMQGFAAPFVAENLRALIGFENASEADLQ
RWSQTLIDGAGNYPDDPDVWAKAKQSSDEIDAALEEMIQWHSGRPGDSLLSYLLRSADYQMPLESIRSNIKMTIGGGLNE
PRDVLGVSTLALLSSSKQLELVLRDPKLWGAVFEESIRWVAPIGMVPRQTVVDTELDGYFIPRGAKLGLCILSANRDRSV
WSDPDRFDIERGSEAHLAFGKGVHVCLGAWAARSQVADVGLPALFSRLKGLRLDPNQEATHGGWVFRGPLSLPLVWDKAV
RSELA
;
_entity_poly.pdbx_strand_id   A
#
loop_
_chem_comp.id
_chem_comp.type
_chem_comp.name
_chem_comp.formula
EDO non-polymer 1,2-ETHANEDIOL 'C2 H6 O2'
FE non-polymer 'FE (III) ION' 'Fe 3'
PP9 non-polymer 'PROTOPORPHYRIN IX' 'C34 H34 N4 O4'
#
# COMPACT_ATOMS: atom_id res chain seq x y z
N GLY A 4 -24.38 29.57 -1.31
CA GLY A 4 -24.76 28.17 -1.69
C GLY A 4 -23.53 27.32 -1.93
N LEU A 5 -23.60 26.41 -2.91
CA LEU A 5 -22.42 25.58 -3.26
C LEU A 5 -21.42 26.35 -4.12
N LEU A 6 -20.14 26.06 -3.91
CA LEU A 6 -19.09 26.73 -4.61
C LEU A 6 -18.68 25.89 -5.81
N GLU A 7 -18.15 26.56 -6.82
CA GLU A 7 -17.60 25.86 -7.96
C GLU A 7 -16.18 25.40 -7.61
N ALA A 8 -15.86 24.16 -7.91
CA ALA A 8 -14.48 23.68 -7.73
C ALA A 8 -13.54 24.36 -8.70
N PRO A 9 -12.47 25.01 -8.20
CA PRO A 9 -11.60 25.67 -9.12
C PRO A 9 -10.73 24.73 -9.95
N THR A 10 -10.24 25.27 -11.06
CA THR A 10 -9.24 24.60 -11.87
C THR A 10 -7.89 24.93 -11.31
N ALA A 11 -7.13 23.92 -10.90
CA ALA A 11 -5.79 24.17 -10.38
C ALA A 11 -4.76 23.76 -11.41
N ASP A 12 -4.60 24.55 -12.48
CA ASP A 12 -3.70 24.11 -13.55
C ASP A 12 -2.20 24.34 -13.24
N TRP A 13 -1.89 24.98 -12.11
CA TRP A 13 -0.51 25.03 -11.60
C TRP A 13 0.00 23.68 -11.04
N VAL A 14 -0.92 22.72 -10.83
CA VAL A 14 -0.56 21.37 -10.36
C VAL A 14 -0.12 20.50 -11.51
N HIS A 15 1.17 20.14 -11.51
CA HIS A 15 1.73 19.26 -12.53
C HIS A 15 2.09 17.89 -11.97
N LEU A 16 1.85 16.85 -12.76
CA LEU A 16 2.15 15.48 -12.32
C LEU A 16 3.61 15.29 -11.92
N ALA A 17 4.53 15.92 -12.65
CA ALA A 17 5.98 15.73 -12.34
C ALA A 17 6.37 16.27 -10.95
N ASP A 18 5.76 17.40 -10.56
CA ASP A 18 5.94 17.99 -9.26
C ASP A 18 5.25 17.14 -8.16
N LEU A 19 4.05 16.64 -8.43
CA LEU A 19 3.39 15.73 -7.47
C LEU A 19 4.24 14.50 -7.17
N TYR A 20 4.81 13.93 -8.21
CA TYR A 20 5.69 12.79 -8.04
C TYR A 20 6.94 13.10 -7.18
N GLN A 21 7.55 14.25 -7.41
CA GLN A 21 8.85 14.56 -6.81
C GLN A 21 8.65 15.05 -5.39
N ASN A 22 7.72 15.99 -5.19
CA ASN A 22 7.33 16.38 -3.83
C ASN A 22 5.93 16.90 -3.67
N PRO A 23 5.04 15.99 -3.30
CA PRO A 23 3.63 16.34 -3.27
C PRO A 23 3.19 17.11 -2.07
N PHE A 24 3.91 17.03 -0.96
CA PHE A 24 3.36 17.58 0.30
C PHE A 24 3.10 19.09 0.28
N PRO A 25 4.03 19.91 -0.23
CA PRO A 25 3.76 21.36 -0.32
C PRO A 25 2.60 21.72 -1.27
N ILE A 26 2.45 20.95 -2.35
CA ILE A 26 1.27 21.08 -3.23
C ILE A 26 -0.05 20.83 -2.45
N PHE A 27 -0.12 19.70 -1.71
CA PHE A 27 -1.32 19.35 -0.95
C PHE A 27 -1.61 20.33 0.19
N GLU A 28 -0.58 20.91 0.83
CA GLU A 28 -0.84 21.94 1.86
C GLU A 28 -1.60 23.14 1.26
N ARG A 29 -1.14 23.58 0.10
CA ARG A 29 -1.79 24.69 -0.60
C ARG A 29 -3.24 24.33 -0.99
N LEU A 30 -3.44 23.15 -1.56
CA LEU A 30 -4.77 22.69 -1.91
C LEU A 30 -5.70 22.56 -0.71
N ARG A 31 -5.24 22.00 0.41
CA ARG A 31 -6.11 21.91 1.55
C ARG A 31 -6.55 23.31 2.02
N SER A 32 -5.62 24.25 1.93
CA SER A 32 -5.83 25.59 2.42
C SER A 32 -6.75 26.42 1.48
N GLU A 33 -6.53 26.31 0.18
CA GLU A 33 -7.24 27.16 -0.83
C GLU A 33 -8.43 26.46 -1.54
N SER A 34 -8.34 25.14 -1.74
CA SER A 34 -9.25 24.44 -2.61
C SER A 34 -9.22 22.91 -2.49
N PRO A 35 -9.87 22.38 -1.46
CA PRO A 35 -9.77 20.94 -1.11
C PRO A 35 -10.48 20.04 -2.11
N VAL A 36 -11.26 20.66 -3.02
CA VAL A 36 -11.84 19.97 -4.17
C VAL A 36 -11.38 20.81 -5.38
N ALA A 37 -10.59 20.24 -6.28
CA ALA A 37 -10.03 21.03 -7.38
C ALA A 37 -9.86 20.21 -8.62
N TRP A 38 -10.21 20.80 -9.79
CA TRP A 38 -9.98 20.16 -11.06
C TRP A 38 -8.49 20.28 -11.47
N VAL A 39 -7.85 19.14 -11.75
CA VAL A 39 -6.45 19.11 -12.12
C VAL A 39 -6.31 18.53 -13.51
N PRO A 40 -6.13 19.43 -14.51
CA PRO A 40 -6.18 19.00 -15.91
C PRO A 40 -5.27 17.83 -16.25
N GLU A 41 -4.04 17.85 -15.75
CA GLU A 41 -3.12 16.81 -16.11
C GLU A 41 -3.55 15.45 -15.56
N ALA A 42 -4.33 15.46 -14.46
CA ALA A 42 -4.75 14.22 -13.81
C ALA A 42 -6.04 13.70 -14.39
N GLY A 43 -6.79 14.55 -15.10
CA GLY A 43 -8.09 14.15 -15.62
C GLY A 43 -9.08 13.83 -14.50
N ARG A 44 -8.90 14.47 -13.35
CA ARG A 44 -9.69 14.20 -12.16
C ARG A 44 -9.83 15.44 -11.28
N TYR A 45 -10.92 15.46 -10.52
CA TYR A 45 -10.98 16.38 -9.36
C TYR A 45 -10.21 15.71 -8.19
N LEU A 46 -9.19 16.38 -7.68
CA LEU A 46 -8.49 15.85 -6.53
C LEU A 46 -9.15 16.36 -5.26
N ILE A 47 -9.43 15.39 -4.38
CA ILE A 47 -10.04 15.64 -3.05
C ILE A 47 -8.92 15.50 -1.98
N THR A 48 -8.65 16.59 -1.27
CA THR A 48 -7.40 16.68 -0.49
C THR A 48 -7.56 16.87 1.03
N SER A 49 -8.76 17.19 1.50
CA SER A 49 -9.03 17.31 2.94
C SER A 49 -9.36 15.94 3.51
N TYR A 50 -9.14 15.81 4.83
CA TYR A 50 -9.59 14.62 5.59
C TYR A 50 -11.10 14.43 5.47
N SER A 51 -11.87 15.50 5.70
CA SER A 51 -13.32 15.42 5.61
C SER A 51 -13.83 14.88 4.26
N GLY A 52 -13.29 15.45 3.20
CA GLY A 52 -13.74 15.08 1.85
C GLY A 52 -13.38 13.65 1.48
N VAL A 53 -12.14 13.26 1.74
CA VAL A 53 -11.70 11.88 1.45
C VAL A 53 -12.53 10.87 2.25
N LEU A 54 -12.69 11.12 3.55
CA LEU A 54 -13.48 10.25 4.39
C LEU A 54 -14.94 10.13 3.89
N ALA A 55 -15.58 11.27 3.66
CA ALA A 55 -17.00 11.28 3.17
C ALA A 55 -17.17 10.48 1.89
N ALA A 56 -16.28 10.71 0.96
CA ALA A 56 -16.38 10.01 -0.29
C ALA A 56 -16.14 8.51 -0.12
N ASP A 57 -15.14 8.18 0.68
CA ASP A 57 -14.75 6.78 0.90
C ASP A 57 -15.85 5.89 1.55
N VAL A 58 -16.69 6.49 2.41
CA VAL A 58 -17.70 5.74 3.15
C VAL A 58 -19.10 5.70 2.49
N ASP A 59 -19.26 6.30 1.31
CA ASP A 59 -20.58 6.40 0.68
C ASP A 59 -20.49 5.83 -0.76
N GLN A 60 -20.50 4.50 -0.91
CA GLN A 60 -20.32 3.89 -2.22
C GLN A 60 -21.50 4.16 -3.20
N THR A 61 -22.68 4.47 -2.64
CA THR A 61 -23.87 4.72 -3.46
C THR A 61 -23.70 5.99 -4.26
N THR A 62 -23.02 6.98 -3.68
CA THR A 62 -22.74 8.18 -4.42
C THR A 62 -21.40 8.11 -5.16
N PHE A 63 -20.38 7.54 -4.52
CA PHE A 63 -19.04 7.55 -5.05
C PHE A 63 -18.60 6.12 -5.38
N SER A 64 -18.85 5.72 -6.61
CA SER A 64 -18.62 4.32 -7.03
C SER A 64 -17.14 3.97 -7.18
N ALA A 65 -16.82 2.74 -6.83
CA ALA A 65 -15.48 2.16 -7.03
C ALA A 65 -15.32 1.58 -8.46
N ASN A 66 -16.40 1.59 -9.21
CA ASN A 66 -16.46 0.92 -10.52
C ASN A 66 -16.45 1.91 -11.67
N GLU A 67 -15.29 2.39 -12.12
CA GLU A 67 -15.25 3.43 -13.18
C GLU A 67 -15.39 2.90 -14.61
N SER A 70 -11.62 1.91 -17.50
CA SER A 70 -10.33 2.34 -16.92
C SER A 70 -9.16 1.38 -17.20
N LEU A 71 -7.95 1.81 -16.84
CA LEU A 71 -6.73 1.04 -17.10
C LEU A 71 -6.62 -0.22 -16.20
N MET A 72 -7.10 -0.14 -14.98
CA MET A 72 -7.15 -1.29 -14.06
C MET A 72 -7.76 -2.53 -14.72
N LEU A 73 -8.83 -2.34 -15.51
CA LEU A 73 -9.55 -3.48 -16.13
C LEU A 73 -8.68 -4.23 -17.14
N ARG A 74 -7.98 -3.47 -17.99
CA ARG A 74 -7.10 -4.05 -19.02
C ARG A 74 -5.87 -4.66 -18.40
N ALA A 75 -5.31 -3.99 -17.39
CA ALA A 75 -4.10 -4.52 -16.69
C ALA A 75 -4.37 -5.85 -15.97
N MET A 76 -5.43 -5.86 -15.17
CA MET A 76 -5.66 -6.90 -14.16
C MET A 76 -6.96 -7.69 -14.29
N GLY A 77 -7.88 -7.19 -15.11
CA GLY A 77 -9.26 -7.64 -15.06
C GLY A 77 -10.05 -6.91 -13.98
N HIS A 78 -11.28 -7.37 -13.78
CA HIS A 78 -12.20 -6.72 -12.86
C HIS A 78 -12.25 -7.41 -11.46
N SER A 79 -11.53 -6.80 -10.49
CA SER A 79 -11.43 -7.32 -9.15
C SER A 79 -12.47 -6.68 -8.24
N MET A 80 -12.61 -7.23 -7.01
CA MET A 80 -13.55 -6.74 -5.98
C MET A 80 -13.26 -5.32 -5.59
N LEU A 81 -12.02 -4.90 -5.76
CA LEU A 81 -11.65 -3.52 -5.42
C LEU A 81 -12.35 -2.47 -6.30
N ARG A 82 -12.67 -2.88 -7.52
CA ARG A 82 -13.33 -2.00 -8.48
C ARG A 82 -14.77 -2.43 -8.73
N LYS A 83 -15.36 -3.06 -7.71
CA LYS A 83 -16.79 -3.32 -7.67
C LYS A 83 -17.44 -2.64 -6.45
N ASP A 84 -18.72 -2.41 -6.55
CA ASP A 84 -19.53 -1.99 -5.42
C ASP A 84 -20.31 -3.19 -4.93
N ASP A 85 -20.94 -3.04 -3.78
CA ASP A 85 -21.84 -4.03 -3.26
C ASP A 85 -23.13 -4.04 -4.13
N PRO A 86 -23.77 -5.19 -4.30
CA PRO A 86 -23.52 -6.41 -3.52
C PRO A 86 -22.39 -7.29 -4.02
N ASP A 87 -21.98 -7.16 -5.28
CA ASP A 87 -21.00 -8.08 -5.83
C ASP A 87 -19.68 -8.02 -5.05
N HIS A 88 -19.26 -6.82 -4.67
CA HIS A 88 -18.03 -6.66 -3.86
C HIS A 88 -18.04 -7.51 -2.60
N GLN A 89 -19.12 -7.40 -1.82
CA GLN A 89 -19.15 -8.07 -0.51
C GLN A 89 -18.98 -9.60 -0.58
N VAL A 90 -19.60 -10.25 -1.57
CA VAL A 90 -19.48 -11.70 -1.71
C VAL A 90 -18.05 -12.10 -2.01
N GLU A 91 -17.35 -11.33 -2.85
CA GLU A 91 -15.93 -11.64 -3.17
C GLU A 91 -15.02 -11.37 -1.97
N ARG A 92 -15.27 -10.28 -1.26
CA ARG A 92 -14.45 -9.90 -0.14
C ARG A 92 -14.51 -10.96 0.95
N ARG A 93 -15.73 -11.48 1.20
CA ARG A 93 -15.90 -12.47 2.23
C ARG A 93 -15.19 -13.79 1.90
N ALA A 94 -15.12 -14.16 0.62
CA ALA A 94 -14.37 -15.36 0.24
C ALA A 94 -12.85 -15.17 0.44
N TRP A 95 -12.44 -13.89 0.48
CA TRP A 95 -11.01 -13.49 0.55
C TRP A 95 -10.51 -13.30 1.98
N GLN A 96 -11.42 -13.28 2.96
CA GLN A 96 -11.11 -12.94 4.32
C GLN A 96 -10.33 -13.95 5.18
N PRO A 97 -10.61 -15.27 5.04
CA PRO A 97 -10.23 -16.20 6.10
C PRO A 97 -8.75 -16.24 6.52
N SER A 98 -7.86 -16.30 5.52
CA SER A 98 -6.41 -16.41 5.77
C SER A 98 -5.83 -15.12 6.37
N LEU A 99 -6.57 -14.01 6.25
CA LEU A 99 -6.12 -12.67 6.69
C LEU A 99 -6.72 -12.12 7.99
N LYS A 100 -7.54 -12.92 8.66
CA LYS A 100 -8.10 -12.49 9.96
C LYS A 100 -6.98 -12.35 10.99
N PRO A 101 -7.14 -11.49 12.00
CA PRO A 101 -6.03 -11.24 12.95
C PRO A 101 -5.55 -12.50 13.68
N GLY A 102 -6.53 -13.32 14.08
CA GLY A 102 -6.27 -14.59 14.73
C GLY A 102 -5.46 -15.60 13.93
N THR A 103 -5.71 -15.69 12.63
CA THR A 103 -4.96 -16.57 11.71
C THR A 103 -3.56 -16.02 11.48
N VAL A 104 -3.45 -14.71 11.29
CA VAL A 104 -2.12 -14.11 11.23
C VAL A 104 -1.26 -14.42 12.46
N LYS A 105 -1.82 -14.22 13.68
CA LYS A 105 -1.11 -14.49 14.91
C LYS A 105 -0.71 -15.96 15.00
N LYS A 106 -1.64 -16.87 14.76
CA LYS A 106 -1.38 -18.30 15.00
C LYS A 106 -0.63 -19.04 13.91
N VAL A 107 -0.78 -18.61 12.67
CA VAL A 107 -0.23 -19.34 11.54
C VAL A 107 0.92 -18.56 10.86
N TRP A 108 0.65 -17.31 10.51
CA TRP A 108 1.58 -16.54 9.67
C TRP A 108 2.77 -15.88 10.37
N LYS A 109 2.63 -15.36 11.61
CA LYS A 109 3.73 -14.69 12.27
C LYS A 109 5.04 -15.53 12.26
N GLN A 110 4.86 -16.85 12.45
CA GLN A 110 5.99 -17.78 12.55
C GLN A 110 6.69 -17.87 11.21
N LYS A 111 5.91 -17.92 10.13
CA LYS A 111 6.44 -17.97 8.77
C LYS A 111 7.15 -16.67 8.40
N PHE A 112 6.57 -15.54 8.79
CA PHE A 112 7.23 -14.23 8.64
C PHE A 112 8.58 -14.18 9.36
N ALA A 113 8.64 -14.68 10.61
CA ALA A 113 9.87 -14.69 11.42
C ALA A 113 10.94 -15.57 10.74
N GLU A 114 10.55 -16.72 10.21
CA GLU A 114 11.48 -17.52 9.41
C GLU A 114 12.03 -16.71 8.23
N ASN A 115 11.14 -15.99 7.53
CA ASN A 115 11.56 -15.23 6.36
C ASN A 115 12.42 -14.04 6.76
N ALA A 116 12.16 -13.44 7.91
CA ALA A 116 12.99 -12.33 8.35
C ALA A 116 14.46 -12.78 8.58
N ASP A 117 14.63 -13.95 9.19
CA ASP A 117 15.97 -14.54 9.37
C ASP A 117 16.69 -14.76 8.05
N ARG A 118 16.01 -15.37 7.10
CA ARG A 118 16.61 -15.71 5.83
C ARG A 118 17.06 -14.44 5.09
N TYR A 119 16.15 -13.47 5.01
CA TYR A 119 16.47 -12.22 4.27
C TYR A 119 17.37 -11.26 4.99
N LEU A 120 17.35 -11.25 6.33
CA LEU A 120 18.31 -10.43 7.06
C LEU A 120 19.74 -11.01 6.89
N ASP A 121 19.86 -12.34 6.92
CA ASP A 121 21.18 -12.96 6.64
C ASP A 121 21.73 -12.54 5.27
N ALA A 122 20.87 -12.55 4.25
CA ALA A 122 21.27 -12.14 2.90
C ALA A 122 21.65 -10.66 2.85
N TYR A 123 20.98 -9.83 3.63
CA TYR A 123 21.32 -8.40 3.66
C TYR A 123 22.68 -8.21 4.36
N ILE A 124 22.88 -8.95 5.45
CA ILE A 124 24.15 -8.95 6.14
C ILE A 124 25.32 -9.34 5.22
N ASP A 125 25.12 -10.36 4.39
CA ASP A 125 26.10 -10.75 3.37
C ASP A 125 26.37 -9.67 2.31
N ALA A 126 25.31 -9.00 1.85
CA ALA A 126 25.40 -7.85 0.95
C ALA A 126 26.28 -6.77 1.49
N GLY A 127 26.13 -6.50 2.79
CA GLY A 127 27.08 -5.66 3.56
C GLY A 127 26.70 -4.22 3.81
N SER A 128 27.31 -3.65 4.83
CA SER A 128 27.06 -2.26 5.27
C SER A 128 27.29 -1.32 4.14
N GLY A 129 26.39 -0.36 3.97
CA GLY A 129 26.34 0.50 2.77
C GLY A 129 25.29 0.17 1.74
N SER A 130 24.74 -1.03 1.81
CA SER A 130 23.77 -1.51 0.87
C SER A 130 22.37 -0.90 1.07
N ASP A 131 21.68 -0.77 -0.04
CA ASP A 131 20.27 -0.33 -0.09
C ASP A 131 19.33 -1.33 0.62
N PHE A 132 18.65 -0.84 1.64
CA PHE A 132 17.68 -1.64 2.43
C PHE A 132 16.44 -1.99 1.63
N MET A 133 16.05 -1.15 0.70
CA MET A 133 14.78 -1.36 -0.02
C MET A 133 14.85 -2.68 -0.83
N GLN A 134 15.87 -2.81 -1.66
CA GLN A 134 16.07 -4.03 -2.44
C GLN A 134 16.78 -5.11 -1.66
N GLY A 135 17.59 -4.69 -0.71
CA GLY A 135 18.48 -5.58 0.01
C GLY A 135 17.76 -6.37 1.08
N PHE A 136 16.66 -5.85 1.62
CA PHE A 136 15.89 -6.61 2.63
C PHE A 136 14.38 -6.49 2.45
N ALA A 137 13.91 -5.24 2.46
CA ALA A 137 12.44 -4.99 2.52
C ALA A 137 11.63 -5.72 1.42
N ALA A 138 11.98 -5.50 0.15
CA ALA A 138 11.26 -6.06 -0.98
C ALA A 138 11.24 -7.61 -1.04
N PRO A 139 12.39 -8.29 -0.89
CA PRO A 139 12.29 -9.77 -0.94
C PRO A 139 11.58 -10.39 0.28
N PHE A 140 11.72 -9.77 1.44
CA PHE A 140 11.04 -10.21 2.67
C PHE A 140 9.53 -10.21 2.49
N VAL A 141 8.99 -9.05 2.09
CA VAL A 141 7.54 -8.94 1.94
C VAL A 141 7.01 -9.74 0.75
N ALA A 142 7.84 -9.91 -0.27
CA ALA A 142 7.52 -10.77 -1.42
C ALA A 142 7.35 -12.25 -1.02
N GLU A 143 8.29 -12.73 -0.24
CA GLU A 143 8.25 -14.12 0.15
C GLU A 143 7.10 -14.34 1.15
N ASN A 144 6.83 -13.33 1.98
CA ASN A 144 5.67 -13.36 2.88
C ASN A 144 4.40 -13.45 2.07
N LEU A 145 4.29 -12.66 1.00
CA LEU A 145 3.06 -12.64 0.23
C LEU A 145 2.90 -13.95 -0.51
N ARG A 146 4.03 -14.47 -0.97
CA ARG A 146 4.01 -15.77 -1.63
C ARG A 146 3.38 -16.83 -0.73
N ALA A 147 3.76 -16.81 0.54
CA ALA A 147 3.25 -17.79 1.51
C ALA A 147 1.77 -17.54 1.82
N LEU A 148 1.41 -16.29 2.13
CA LEU A 148 0.01 -15.91 2.40
C LEU A 148 -0.94 -16.37 1.31
N ILE A 149 -0.57 -16.17 0.04
CA ILE A 149 -1.44 -16.54 -1.07
C ILE A 149 -1.52 -18.08 -1.30
N GLY A 150 -0.36 -18.73 -1.20
CA GLY A 150 -0.28 -20.17 -1.46
C GLY A 150 0.43 -20.51 -2.74
N PHE A 151 1.29 -19.61 -3.21
CA PHE A 151 2.00 -19.81 -4.46
C PHE A 151 3.24 -20.71 -4.30
N GLU A 152 3.05 -22.02 -4.46
CA GLU A 152 4.16 -22.95 -4.24
C GLU A 152 5.09 -22.92 -5.44
N ASN A 153 4.53 -22.65 -6.60
CA ASN A 153 5.25 -22.69 -7.86
C ASN A 153 5.73 -21.28 -8.34
N ALA A 154 5.93 -20.32 -7.43
CA ALA A 154 6.48 -18.99 -7.81
C ALA A 154 7.60 -18.62 -6.86
N SER A 155 8.54 -17.78 -7.29
CA SER A 155 9.60 -17.28 -6.43
C SER A 155 9.23 -15.86 -5.94
N GLU A 156 9.88 -15.42 -4.87
CA GLU A 156 9.70 -14.02 -4.41
C GLU A 156 10.00 -13.05 -5.58
N ALA A 157 10.99 -13.39 -6.41
CA ALA A 157 11.34 -12.53 -7.52
C ALA A 157 10.24 -12.43 -8.53
N ASP A 158 9.55 -13.54 -8.81
CA ASP A 158 8.39 -13.53 -9.68
C ASP A 158 7.38 -12.50 -9.13
N LEU A 159 7.18 -12.57 -7.82
CA LEU A 159 6.16 -11.74 -7.19
C LEU A 159 6.53 -10.24 -7.29
N GLN A 160 7.79 -9.92 -7.08
CA GLN A 160 8.22 -8.53 -7.23
C GLN A 160 7.95 -8.01 -8.67
N ARG A 161 8.25 -8.85 -9.68
CA ARG A 161 8.09 -8.45 -11.07
C ARG A 161 6.61 -8.34 -11.45
N TRP A 162 5.81 -9.33 -11.04
CA TRP A 162 4.38 -9.25 -11.27
C TRP A 162 3.80 -7.97 -10.63
N SER A 163 4.18 -7.71 -9.40
CA SER A 163 3.60 -6.56 -8.73
C SER A 163 3.87 -5.26 -9.52
N GLN A 164 5.14 -5.00 -9.82
CA GLN A 164 5.47 -3.72 -10.49
C GLN A 164 4.89 -3.56 -11.88
N THR A 165 4.87 -4.65 -12.64
CA THR A 165 4.37 -4.62 -14.00
C THR A 165 2.86 -4.45 -14.03
N LEU A 166 2.14 -5.08 -13.11
CA LEU A 166 0.67 -4.91 -13.05
C LEU A 166 0.32 -3.48 -12.60
N ILE A 167 1.01 -2.99 -11.58
CA ILE A 167 0.83 -1.61 -11.14
C ILE A 167 1.05 -0.65 -12.31
N ASP A 168 2.15 -0.88 -13.01
CA ASP A 168 2.54 -0.02 -14.14
C ASP A 168 1.51 -0.06 -15.28
N GLY A 169 1.02 -1.27 -15.58
CA GLY A 169 -0.07 -1.43 -16.56
C GLY A 169 -1.34 -0.67 -16.16
N ALA A 170 -1.67 -0.72 -14.87
CA ALA A 170 -2.80 0.01 -14.37
C ALA A 170 -2.64 1.56 -14.46
N GLY A 171 -1.42 2.09 -14.57
CA GLY A 171 -1.21 3.55 -14.77
C GLY A 171 -0.59 3.93 -16.12
N ASN A 172 -0.86 3.11 -17.14
CA ASN A 172 -0.27 3.31 -18.46
C ASN A 172 -1.02 4.35 -19.32
N TYR A 173 -1.35 5.51 -18.75
CA TYR A 173 -1.96 6.63 -19.50
C TYR A 173 -1.17 7.00 -20.73
N PRO A 174 0.16 7.03 -20.62
CA PRO A 174 0.94 7.20 -21.84
C PRO A 174 0.74 6.11 -22.89
N ASP A 175 0.06 5.02 -22.53
CA ASP A 175 -0.13 3.87 -23.40
C ASP A 175 1.20 3.44 -24.02
N ASP A 176 2.23 3.26 -23.20
CA ASP A 176 3.42 2.67 -23.74
C ASP A 176 3.03 1.22 -24.12
N PRO A 177 3.43 0.77 -25.32
CA PRO A 177 3.10 -0.59 -25.73
C PRO A 177 3.94 -1.64 -25.02
N ASP A 178 5.15 -1.26 -24.58
CA ASP A 178 5.96 -2.19 -23.84
C ASP A 178 5.45 -2.36 -22.40
N VAL A 179 4.92 -1.29 -21.85
CA VAL A 179 4.28 -1.34 -20.54
C VAL A 179 3.07 -2.27 -20.56
N TRP A 180 2.24 -2.16 -21.60
CA TRP A 180 1.16 -3.12 -21.75
C TRP A 180 1.63 -4.54 -22.02
N ALA A 181 2.69 -4.71 -22.79
CA ALA A 181 3.20 -6.05 -23.09
C ALA A 181 3.72 -6.76 -21.84
N LYS A 182 4.37 -6.00 -20.96
CA LYS A 182 4.92 -6.59 -19.73
C LYS A 182 3.84 -6.97 -18.70
N ALA A 183 2.81 -6.15 -18.57
CA ALA A 183 1.70 -6.45 -17.68
C ALA A 183 0.91 -7.68 -18.20
N LYS A 184 0.72 -7.74 -19.51
CA LYS A 184 0.11 -8.90 -20.20
C LYS A 184 0.87 -10.18 -19.96
N GLN A 185 2.19 -10.10 -20.03
CA GLN A 185 2.98 -11.30 -19.81
C GLN A 185 2.90 -11.76 -18.35
N SER A 186 2.89 -10.80 -17.41
CA SER A 186 2.67 -11.13 -15.97
C SER A 186 1.31 -11.79 -15.76
N SER A 187 0.27 -11.21 -16.37
CA SER A 187 -1.07 -11.76 -16.34
C SER A 187 -1.13 -13.20 -16.85
N ASP A 188 -0.44 -13.49 -17.94
CA ASP A 188 -0.39 -14.86 -18.49
C ASP A 188 0.34 -15.83 -17.56
N GLU A 189 1.45 -15.38 -17.01
CA GLU A 189 2.24 -16.22 -16.13
C GLU A 189 1.44 -16.58 -14.87
N ILE A 190 0.73 -15.59 -14.35
CA ILE A 190 -0.06 -15.79 -13.16
C ILE A 190 -1.19 -16.77 -13.48
N ASP A 191 -1.81 -16.61 -14.64
CA ASP A 191 -2.89 -17.53 -15.07
C ASP A 191 -2.39 -18.97 -15.10
N ALA A 192 -1.25 -19.17 -15.72
CA ALA A 192 -0.63 -20.50 -15.77
C ALA A 192 -0.31 -21.02 -14.36
N ALA A 193 0.31 -20.17 -13.55
CA ALA A 193 0.69 -20.62 -12.23
C ALA A 193 -0.53 -21.00 -11.39
N LEU A 194 -1.64 -20.28 -11.57
CA LEU A 194 -2.87 -20.50 -10.81
C LEU A 194 -3.48 -21.80 -11.25
N GLU A 195 -3.47 -22.08 -12.55
CA GLU A 195 -3.99 -23.35 -13.01
C GLU A 195 -3.41 -24.49 -12.15
N GLU A 196 -2.09 -24.52 -11.98
CA GLU A 196 -1.44 -25.64 -11.26
C GLU A 196 -1.76 -25.58 -9.73
N MET A 197 -1.72 -24.38 -9.17
CA MET A 197 -2.05 -24.19 -7.76
C MET A 197 -3.48 -24.46 -7.37
N ILE A 198 -4.41 -24.22 -8.28
CA ILE A 198 -5.79 -24.58 -8.04
C ILE A 198 -5.94 -26.10 -7.87
N GLN A 199 -5.30 -26.88 -8.73
CA GLN A 199 -5.38 -28.36 -8.63
C GLN A 199 -4.73 -28.81 -7.31
N TRP A 200 -3.54 -28.31 -7.05
CA TRP A 200 -2.84 -28.62 -5.83
C TRP A 200 -3.70 -28.31 -4.59
N HIS A 201 -4.19 -27.09 -4.46
CA HIS A 201 -4.86 -26.66 -3.22
C HIS A 201 -6.28 -27.23 -3.01
N SER A 202 -6.97 -27.62 -4.09
CA SER A 202 -8.31 -28.25 -3.93
C SER A 202 -8.17 -29.55 -3.13
N GLY A 203 -8.99 -29.70 -2.09
CA GLY A 203 -9.05 -30.93 -1.27
C GLY A 203 -8.02 -31.03 -0.16
N ARG A 204 -7.12 -30.04 -0.09
CA ARG A 204 -5.90 -30.13 0.72
C ARG A 204 -5.95 -29.15 1.88
N PRO A 205 -5.96 -29.65 3.12
CA PRO A 205 -6.06 -28.72 4.25
C PRO A 205 -4.90 -27.74 4.23
N GLY A 206 -5.11 -26.55 4.78
CA GLY A 206 -4.06 -25.53 4.78
C GLY A 206 -4.66 -24.18 5.14
N ASP A 207 -3.84 -23.19 5.44
CA ASP A 207 -4.37 -21.86 5.80
C ASP A 207 -4.09 -20.69 4.83
N SER A 208 -3.48 -21.01 3.68
CA SER A 208 -3.24 -20.07 2.59
C SER A 208 -4.55 -19.59 2.00
N LEU A 209 -4.48 -18.41 1.37
CA LEU A 209 -5.69 -17.80 0.76
C LEU A 209 -6.33 -18.76 -0.22
N LEU A 210 -5.50 -19.36 -1.07
CA LEU A 210 -5.96 -20.33 -2.05
C LEU A 210 -6.57 -21.59 -1.40
N SER A 211 -5.98 -22.05 -0.31
CA SER A 211 -6.53 -23.22 0.40
C SER A 211 -7.98 -22.97 0.88
N TYR A 212 -8.20 -21.87 1.58
CA TYR A 212 -9.54 -21.54 2.08
C TYR A 212 -10.49 -21.29 0.92
N LEU A 213 -9.99 -20.59 -0.08
CA LEU A 213 -10.84 -20.21 -1.19
C LEU A 213 -11.49 -21.42 -1.85
N LEU A 214 -10.73 -22.49 -2.01
CA LEU A 214 -11.20 -23.63 -2.79
C LEU A 214 -11.96 -24.65 -1.95
N ARG A 215 -12.12 -24.42 -0.65
CA ARG A 215 -12.97 -25.31 0.17
C ARG A 215 -14.42 -24.91 0.00
N TYR A 219 -20.52 -20.36 -1.95
CA TYR A 219 -19.97 -19.53 -3.05
C TYR A 219 -18.68 -20.11 -3.65
N GLN A 220 -18.70 -20.48 -4.92
CA GLN A 220 -17.49 -20.87 -5.65
C GLN A 220 -17.13 -19.67 -6.53
N MET A 221 -16.01 -18.99 -6.27
CA MET A 221 -15.59 -17.87 -7.13
C MET A 221 -15.27 -18.33 -8.55
N PRO A 222 -15.90 -17.71 -9.57
CA PRO A 222 -15.55 -18.03 -10.94
C PRO A 222 -14.08 -17.74 -11.25
N LEU A 223 -13.50 -18.55 -12.12
CA LEU A 223 -12.10 -18.43 -12.48
C LEU A 223 -11.65 -17.02 -12.87
N GLU A 224 -12.49 -16.28 -13.60
CA GLU A 224 -12.04 -15.00 -14.06
C GLU A 224 -11.89 -14.04 -12.88
N SER A 225 -12.73 -14.21 -11.85
CA SER A 225 -12.63 -13.42 -10.63
C SER A 225 -11.49 -13.87 -9.74
N ILE A 226 -11.20 -15.18 -9.67
CA ILE A 226 -10.01 -15.63 -8.95
C ILE A 226 -8.75 -14.93 -9.55
N ARG A 227 -8.64 -14.95 -10.88
CA ARG A 227 -7.46 -14.36 -11.57
C ARG A 227 -7.35 -12.85 -11.27
N SER A 228 -8.46 -12.15 -11.46
CA SER A 228 -8.51 -10.70 -11.20
C SER A 228 -8.21 -10.34 -9.75
N ASN A 229 -8.78 -11.09 -8.80
CA ASN A 229 -8.52 -10.84 -7.39
C ASN A 229 -7.09 -11.18 -6.96
N ILE A 230 -6.50 -12.20 -7.54
CA ILE A 230 -5.13 -12.55 -7.23
C ILE A 230 -4.16 -11.45 -7.74
N LYS A 231 -4.40 -10.98 -8.97
CA LYS A 231 -3.59 -9.91 -9.55
C LYS A 231 -3.71 -8.63 -8.70
N MET A 232 -4.92 -8.34 -8.26
CA MET A 232 -5.10 -7.18 -7.41
C MET A 232 -4.35 -7.35 -6.10
N THR A 233 -4.39 -8.54 -5.53
CA THR A 233 -3.72 -8.78 -4.26
C THR A 233 -2.19 -8.61 -4.37
N ILE A 234 -1.62 -9.14 -5.44
CA ILE A 234 -0.22 -8.97 -5.76
C ILE A 234 0.17 -7.52 -5.91
N GLY A 235 -0.68 -6.76 -6.59
CA GLY A 235 -0.51 -5.34 -6.81
C GLY A 235 -0.66 -4.52 -5.56
N GLY A 236 -1.41 -5.05 -4.60
CA GLY A 236 -1.78 -4.31 -3.35
C GLY A 236 -1.00 -4.73 -2.10
N GLY A 237 -0.26 -5.84 -2.18
CA GLY A 237 0.24 -6.54 -0.98
C GLY A 237 1.75 -6.67 -0.81
N LEU A 238 2.52 -6.02 -1.69
CA LEU A 238 3.99 -6.20 -1.71
C LEU A 238 4.66 -4.84 -1.61
N ASN A 239 4.44 -4.00 -2.58
CA ASN A 239 5.16 -2.70 -2.62
C ASN A 239 4.75 -1.87 -1.37
N GLU A 240 3.50 -2.06 -0.94
CA GLU A 240 2.95 -1.28 0.16
C GLU A 240 3.64 -1.57 1.50
N PRO A 241 3.64 -2.82 1.96
CA PRO A 241 4.41 -3.11 3.17
C PRO A 241 5.93 -2.87 3.01
N ARG A 242 6.49 -3.10 1.83
CA ARG A 242 7.91 -2.78 1.58
C ARG A 242 8.15 -1.30 1.88
N ASP A 243 7.28 -0.46 1.34
CA ASP A 243 7.44 0.96 1.57
C ASP A 243 7.35 1.34 3.05
N VAL A 244 6.45 0.71 3.82
CA VAL A 244 6.31 1.06 5.25
C VAL A 244 7.60 0.69 6.01
N LEU A 245 8.23 -0.44 5.67
CA LEU A 245 9.51 -0.79 6.28
C LEU A 245 10.55 0.32 6.06
N GLY A 246 10.59 0.87 4.86
CA GLY A 246 11.51 1.95 4.52
C GLY A 246 11.23 3.22 5.26
N VAL A 247 9.96 3.62 5.30
CA VAL A 247 9.58 4.84 5.97
C VAL A 247 9.88 4.77 7.47
N SER A 248 9.43 3.70 8.11
CA SER A 248 9.60 3.51 9.55
C SER A 248 11.09 3.52 9.93
N THR A 249 11.90 2.79 9.16
CA THR A 249 13.32 2.67 9.42
C THR A 249 13.96 4.06 9.32
N LEU A 250 13.65 4.77 8.25
CA LEU A 250 14.16 6.10 8.07
C LEU A 250 13.78 7.05 9.16
N ALA A 251 12.52 7.02 9.54
CA ALA A 251 12.01 7.94 10.57
C ALA A 251 12.75 7.71 11.92
N LEU A 252 12.92 6.46 12.30
CA LEU A 252 13.59 6.12 13.58
C LEU A 252 15.11 6.43 13.54
N LEU A 253 15.74 6.19 12.39
CA LEU A 253 17.16 6.55 12.22
C LEU A 253 17.38 8.03 12.03
N SER A 254 16.31 8.81 11.86
CA SER A 254 16.40 10.27 11.78
C SER A 254 16.08 10.98 13.10
N SER A 255 15.60 10.26 14.12
CA SER A 255 15.25 10.90 15.37
C SER A 255 15.60 9.99 16.52
N SER A 256 16.69 10.31 17.19
CA SER A 256 17.14 9.48 18.30
C SER A 256 16.10 9.49 19.44
N LYS A 257 15.35 10.58 19.63
CA LYS A 257 14.26 10.59 20.60
C LYS A 257 13.19 9.55 20.26
N GLN A 258 12.81 9.49 18.99
CA GLN A 258 11.75 8.55 18.60
C GLN A 258 12.22 7.10 18.78
N LEU A 259 13.45 6.81 18.36
CA LEU A 259 14.01 5.46 18.53
C LEU A 259 14.16 5.06 20.01
N GLU A 260 14.62 5.98 20.84
CA GLU A 260 14.73 5.70 22.31
C GLU A 260 13.38 5.31 22.91
N LEU A 261 12.29 5.99 22.52
CA LEU A 261 10.95 5.67 23.02
C LEU A 261 10.60 4.21 22.79
N VAL A 262 10.90 3.76 21.59
CA VAL A 262 10.66 2.39 21.19
C VAL A 262 11.55 1.35 21.95
N LEU A 263 12.82 1.63 22.04
CA LEU A 263 13.72 0.73 22.74
C LEU A 263 13.32 0.63 24.23
N ARG A 264 12.94 1.78 24.82
CA ARG A 264 12.40 1.79 26.19
C ARG A 264 11.04 1.02 26.40
N ASP A 265 10.27 0.83 25.32
CA ASP A 265 9.02 0.10 25.39
C ASP A 265 8.69 -0.47 24.04
N PRO A 266 9.22 -1.65 23.74
CA PRO A 266 9.02 -2.27 22.44
C PRO A 266 7.55 -2.57 22.09
N LYS A 267 6.62 -2.42 23.04
CA LYS A 267 5.23 -2.53 22.69
C LYS A 267 4.88 -1.45 21.63
N LEU A 268 5.67 -0.38 21.56
CA LEU A 268 5.41 0.71 20.62
C LEU A 268 5.77 0.45 19.16
N TRP A 269 6.26 -0.73 18.82
CA TRP A 269 6.47 -1.04 17.41
C TRP A 269 5.16 -0.86 16.59
N GLY A 270 4.02 -1.24 17.16
CA GLY A 270 2.71 -1.07 16.48
C GLY A 270 2.42 0.40 16.18
N ALA A 271 2.69 1.24 17.15
CA ALA A 271 2.55 2.66 16.97
C ALA A 271 3.52 3.23 15.95
N VAL A 272 4.73 2.70 15.87
CA VAL A 272 5.63 3.09 14.77
C VAL A 272 4.97 2.86 13.37
N PHE A 273 4.40 1.66 13.19
CA PHE A 273 3.78 1.26 11.92
C PHE A 273 2.61 2.21 11.59
N GLU A 274 1.77 2.47 12.58
CA GLU A 274 0.59 3.34 12.37
C GLU A 274 0.99 4.76 12.10
N GLU A 275 2.01 5.27 12.79
CA GLU A 275 2.49 6.64 12.52
C GLU A 275 3.17 6.73 11.13
N SER A 276 3.88 5.68 10.69
CA SER A 276 4.51 5.73 9.35
C SER A 276 3.48 5.89 8.21
N ILE A 277 2.40 5.11 8.29
CA ILE A 277 1.37 5.15 7.26
C ILE A 277 0.47 6.39 7.33
N ARG A 278 0.41 7.04 8.49
CA ARG A 278 -0.18 8.36 8.56
C ARG A 278 0.75 9.37 7.93
N TRP A 279 2.02 9.34 8.33
CA TRP A 279 2.98 10.34 7.87
C TRP A 279 3.28 10.29 6.38
N VAL A 280 3.40 9.08 5.82
CA VAL A 280 3.53 8.86 4.39
C VAL A 280 2.71 7.67 3.95
N ALA A 281 1.46 7.93 3.54
CA ALA A 281 0.58 6.85 3.17
C ALA A 281 1.13 6.05 2.00
N PRO A 282 1.22 4.73 2.12
CA PRO A 282 1.75 3.97 1.01
C PRO A 282 0.90 4.03 -0.24
N ILE A 283 -0.41 4.04 -0.06
CA ILE A 283 -1.34 4.29 -1.17
C ILE A 283 -1.84 5.70 -1.01
N GLY A 284 -1.34 6.60 -1.84
CA GLY A 284 -1.60 8.02 -1.70
C GLY A 284 -2.86 8.57 -2.36
N MET A 285 -3.35 7.88 -3.40
CA MET A 285 -4.60 8.29 -4.10
C MET A 285 -5.38 7.05 -4.47
N VAL A 286 -6.69 7.07 -4.24
CA VAL A 286 -7.60 6.06 -4.75
C VAL A 286 -8.75 6.69 -5.58
N PRO A 287 -9.17 6.01 -6.66
CA PRO A 287 -10.12 6.60 -7.59
C PRO A 287 -11.53 6.28 -7.22
N ARG A 288 -12.40 7.25 -7.44
CA ARG A 288 -13.87 7.04 -7.42
C ARG A 288 -14.48 7.81 -8.60
N GLN A 289 -15.68 7.37 -8.99
CA GLN A 289 -16.54 8.13 -9.94
C GLN A 289 -17.95 8.39 -9.38
N THR A 290 -18.41 9.64 -9.41
CA THR A 290 -19.74 9.95 -8.88
C THR A 290 -20.91 9.42 -9.77
N VAL A 291 -21.94 8.93 -9.13
CA VAL A 291 -23.09 8.39 -9.82
C VAL A 291 -24.24 9.40 -9.92
N VAL A 292 -24.22 10.45 -9.09
CA VAL A 292 -25.21 11.53 -9.08
C VAL A 292 -24.51 12.82 -8.75
N ASP A 293 -25.15 13.95 -9.05
CA ASP A 293 -24.65 15.26 -8.66
C ASP A 293 -24.51 15.24 -7.15
N THR A 294 -23.44 15.84 -6.64
CA THR A 294 -23.19 15.76 -5.20
C THR A 294 -22.35 16.95 -4.77
N GLU A 295 -21.75 16.83 -3.58
CA GLU A 295 -20.94 17.89 -3.05
C GLU A 295 -19.95 17.30 -2.03
N LEU A 296 -18.78 17.90 -1.92
CA LEU A 296 -17.80 17.62 -0.86
C LEU A 296 -17.27 18.95 -0.41
N ASP A 297 -17.15 19.13 0.88
CA ASP A 297 -16.64 20.35 1.48
C ASP A 297 -17.30 21.66 1.02
N GLY A 298 -18.59 21.61 0.68
CA GLY A 298 -19.31 22.77 0.08
C GLY A 298 -19.05 23.07 -1.40
N TYR A 299 -18.34 22.18 -2.11
CA TYR A 299 -18.09 22.33 -3.53
C TYR A 299 -18.99 21.41 -4.36
N PHE A 300 -19.62 21.95 -5.42
CA PHE A 300 -20.42 21.10 -6.33
C PHE A 300 -19.51 20.14 -7.11
N ILE A 301 -19.96 18.91 -7.27
CA ILE A 301 -19.31 17.95 -8.13
C ILE A 301 -20.38 17.34 -9.06
N PRO A 302 -20.18 17.42 -10.40
CA PRO A 302 -21.15 16.82 -11.33
C PRO A 302 -21.23 15.30 -11.39
N ARG A 303 -22.43 14.78 -11.61
CA ARG A 303 -22.61 13.38 -11.95
C ARG A 303 -21.61 12.92 -13.01
N GLY A 304 -21.03 11.72 -12.80
CA GLY A 304 -19.99 11.13 -13.63
C GLY A 304 -18.57 11.63 -13.44
N ALA A 305 -18.36 12.58 -12.52
CA ALA A 305 -17.03 13.11 -12.24
C ALA A 305 -16.05 12.04 -11.73
N LYS A 306 -14.84 12.00 -12.30
CA LYS A 306 -13.79 11.14 -11.80
C LYS A 306 -12.96 11.88 -10.73
N LEU A 307 -12.82 11.22 -9.55
CA LEU A 307 -12.18 11.83 -8.38
C LEU A 307 -10.93 11.04 -8.00
N GLY A 308 -9.97 11.74 -7.48
CA GLY A 308 -8.82 11.13 -6.85
C GLY A 308 -8.86 11.50 -5.38
N LEU A 309 -9.16 10.50 -4.53
CA LEU A 309 -9.18 10.68 -3.08
C LEU A 309 -7.74 10.59 -2.58
N CYS A 310 -7.19 11.76 -2.24
CA CYS A 310 -5.78 11.92 -1.93
C CYS A 310 -5.54 11.64 -0.45
N ILE A 311 -5.49 10.36 -0.12
CA ILE A 311 -5.18 9.83 1.25
C ILE A 311 -3.88 10.45 1.76
N LEU A 312 -2.91 10.59 0.85
CA LEU A 312 -1.59 11.11 1.22
C LEU A 312 -1.70 12.50 1.86
N SER A 313 -2.64 13.29 1.37
CA SER A 313 -2.92 14.64 1.87
C SER A 313 -3.81 14.66 3.07
N ALA A 314 -4.85 13.81 3.03
CA ALA A 314 -5.82 13.72 4.12
C ALA A 314 -5.10 13.43 5.48
N ASN A 315 -4.07 12.58 5.41
CA ASN A 315 -3.32 12.11 6.60
C ASN A 315 -2.34 13.21 7.09
N ARG A 316 -2.30 14.35 6.39
CA ARG A 316 -1.52 15.55 6.83
C ARG A 316 -2.41 16.74 7.21
N ASP A 317 -3.68 16.48 7.48
CA ASP A 317 -4.68 17.55 7.65
C ASP A 317 -4.54 18.15 9.03
N ARG A 318 -4.23 19.44 9.09
CA ARG A 318 -3.97 20.14 10.35
C ARG A 318 -5.20 20.35 11.22
N SER A 319 -6.42 20.12 10.73
CA SER A 319 -7.56 20.11 11.63
C SER A 319 -7.73 18.77 12.32
N VAL A 320 -6.99 17.73 11.93
CA VAL A 320 -7.14 16.42 12.58
C VAL A 320 -5.98 16.08 13.57
N TRP A 321 -4.74 16.40 13.22
CA TRP A 321 -3.56 16.13 14.04
C TRP A 321 -2.75 17.38 14.22
N SER A 322 -2.20 17.55 15.40
CA SER A 322 -1.30 18.64 15.71
C SER A 322 0.00 18.34 15.02
N ASP A 323 0.61 19.35 14.40
CA ASP A 323 1.89 19.21 13.74
C ASP A 323 1.99 17.94 12.87
N PRO A 324 1.09 17.77 11.90
CA PRO A 324 1.04 16.52 11.13
C PRO A 324 2.25 16.24 10.24
N ASP A 325 3.10 17.25 10.03
CA ASP A 325 4.23 17.03 9.14
C ASP A 325 5.41 16.41 9.86
N ARG A 326 5.29 16.28 11.17
CA ARG A 326 6.28 15.59 12.02
C ARG A 326 5.93 14.12 12.23
N PHE A 327 6.94 13.24 12.18
CA PHE A 327 6.78 11.85 12.66
C PHE A 327 6.87 11.85 14.20
N ASP A 328 5.78 11.47 14.86
CA ASP A 328 5.66 11.54 16.35
C ASP A 328 4.77 10.43 16.89
N ILE A 329 5.37 9.40 17.47
CA ILE A 329 4.60 8.26 17.93
C ILE A 329 3.85 8.59 19.21
N GLU A 330 4.29 9.57 19.99
CA GLU A 330 3.56 9.95 21.20
C GLU A 330 2.27 10.70 20.84
N ARG A 331 2.33 11.66 19.94
CA ARG A 331 1.09 12.34 19.44
C ARG A 331 0.16 11.29 18.87
N GLY A 332 0.76 10.34 18.16
CA GLY A 332 0.03 9.23 17.57
C GLY A 332 -0.71 9.54 16.26
N SER A 333 -1.60 8.61 15.89
CA SER A 333 -2.11 8.55 14.52
C SER A 333 -3.57 8.11 14.44
N GLU A 334 -4.33 8.50 15.46
CA GLU A 334 -5.68 8.00 15.64
C GLU A 334 -6.53 8.46 14.47
N ALA A 335 -7.27 7.51 13.89
CA ALA A 335 -8.21 7.72 12.77
C ALA A 335 -7.57 8.06 11.43
N HIS A 336 -6.33 7.65 11.21
CA HIS A 336 -5.73 7.88 9.89
C HIS A 336 -6.45 7.05 8.85
N LEU A 337 -6.33 7.47 7.60
CA LEU A 337 -7.08 6.85 6.51
C LEU A 337 -6.22 5.99 5.58
N ALA A 338 -5.02 5.58 6.02
CA ALA A 338 -4.12 4.79 5.14
C ALA A 338 -4.64 3.45 4.66
N PHE A 339 -5.55 2.84 5.42
CA PHE A 339 -6.13 1.55 5.02
C PHE A 339 -7.55 1.76 4.48
N GLY A 340 -7.92 3.02 4.32
CA GLY A 340 -9.30 3.41 4.01
C GLY A 340 -10.31 3.17 5.10
N LYS A 341 -11.59 3.47 4.83
CA LYS A 341 -12.64 3.35 5.85
C LYS A 341 -14.00 2.75 5.42
N GLY A 342 -14.30 2.72 4.15
CA GLY A 342 -15.63 2.18 3.74
C GLY A 342 -15.61 0.64 3.72
N VAL A 343 -16.39 0.08 2.81
CA VAL A 343 -16.53 -1.35 2.62
C VAL A 343 -15.28 -1.95 1.98
N HIS A 344 -14.41 -1.13 1.38
CA HIS A 344 -13.13 -1.64 0.83
C HIS A 344 -11.92 -1.65 1.81
N VAL A 345 -12.17 -1.27 3.06
CA VAL A 345 -11.07 -1.15 4.08
C VAL A 345 -10.10 -2.34 3.99
N CYS A 346 -8.81 -2.03 3.89
CA CYS A 346 -7.73 -3.01 3.54
C CYS A 346 -7.91 -4.36 4.23
N LEU A 347 -8.02 -5.40 3.43
CA LEU A 347 -8.13 -6.78 3.97
C LEU A 347 -6.80 -7.28 4.51
N GLY A 348 -5.72 -6.67 4.04
CA GLY A 348 -4.38 -7.06 4.45
C GLY A 348 -3.79 -6.42 5.67
N ALA A 349 -4.55 -5.58 6.40
CA ALA A 349 -3.98 -4.68 7.36
C ALA A 349 -3.29 -5.44 8.52
N TRP A 350 -3.89 -6.56 8.95
CA TRP A 350 -3.35 -7.34 10.03
C TRP A 350 -2.07 -8.04 9.56
N ALA A 351 -2.09 -8.62 8.36
CA ALA A 351 -0.86 -9.26 7.81
C ALA A 351 0.27 -8.24 7.64
N ALA A 352 -0.07 -7.07 7.10
CA ALA A 352 0.91 -5.97 7.02
C ALA A 352 1.53 -5.57 8.36
N ARG A 353 0.70 -5.29 9.37
CA ARG A 353 1.15 -4.92 10.68
C ARG A 353 2.06 -5.98 11.34
N SER A 354 1.73 -7.24 11.16
CA SER A 354 2.49 -8.35 11.77
C SER A 354 3.87 -8.47 11.09
N GLN A 355 3.86 -8.48 9.75
CA GLN A 355 5.12 -8.54 8.98
C GLN A 355 6.08 -7.44 9.38
N VAL A 356 5.55 -6.23 9.54
CA VAL A 356 6.38 -5.05 9.69
C VAL A 356 6.65 -4.71 11.16
N ALA A 357 5.60 -4.50 11.95
CA ALA A 357 5.78 -4.10 13.35
C ALA A 357 6.15 -5.25 14.27
N ASP A 358 5.59 -6.43 14.03
CA ASP A 358 5.75 -7.50 15.02
C ASP A 358 6.98 -8.33 14.69
N VAL A 359 7.46 -8.29 13.45
CA VAL A 359 8.53 -9.18 13.00
C VAL A 359 9.71 -8.45 12.39
N GLY A 360 9.46 -7.76 11.28
CA GLY A 360 10.56 -7.20 10.48
C GLY A 360 11.37 -6.12 11.15
N LEU A 361 10.70 -5.11 11.65
CA LEU A 361 11.43 -4.02 12.30
C LEU A 361 12.18 -4.45 13.59
N PRO A 362 11.50 -5.16 14.52
CA PRO A 362 12.30 -5.57 15.71
C PRO A 362 13.52 -6.43 15.38
N ALA A 363 13.36 -7.34 14.44
CA ALA A 363 14.50 -8.14 13.96
C ALA A 363 15.65 -7.27 13.40
N LEU A 364 15.30 -6.33 12.54
CA LEU A 364 16.30 -5.43 11.99
C LEU A 364 17.09 -4.67 13.06
N PHE A 365 16.37 -4.01 13.99
CA PHE A 365 17.00 -3.17 14.95
C PHE A 365 17.75 -3.97 16.04
N SER A 366 17.43 -5.24 16.23
CA SER A 366 18.15 -6.00 17.24
C SER A 366 19.39 -6.69 16.66
N ARG A 367 19.44 -6.90 15.33
CA ARG A 367 20.52 -7.69 14.71
C ARG A 367 21.64 -6.84 14.10
N LEU A 368 21.35 -5.63 13.65
CA LEU A 368 22.37 -4.75 13.08
C LEU A 368 22.76 -3.67 14.07
N LYS A 369 23.95 -3.85 14.66
CA LYS A 369 24.42 -2.97 15.74
C LYS A 369 25.02 -1.71 15.17
N GLY A 370 24.75 -0.58 15.82
CA GLY A 370 25.13 0.74 15.30
C GLY A 370 24.44 1.17 13.98
N LEU A 371 23.26 0.60 13.71
CA LEU A 371 22.45 0.93 12.55
C LEU A 371 22.28 2.44 12.41
N ARG A 372 22.60 2.98 11.22
CA ARG A 372 22.51 4.39 10.99
C ARG A 372 22.37 4.68 9.50
N LEU A 373 21.91 5.89 9.23
CA LEU A 373 21.82 6.35 7.82
C LEU A 373 23.24 6.57 7.31
N ASP A 374 23.46 6.51 5.99
CA ASP A 374 24.78 6.80 5.41
C ASP A 374 24.90 8.29 5.11
N PRO A 375 25.81 9.01 5.79
CA PRO A 375 25.96 10.45 5.48
C PRO A 375 26.41 10.69 4.04
N ASN A 376 26.98 9.66 3.38
CA ASN A 376 27.50 9.81 2.00
C ASN A 376 26.61 9.21 0.91
N GLN A 377 25.47 8.60 1.29
CA GLN A 377 24.47 8.06 0.37
C GLN A 377 23.04 8.39 0.90
N GLU A 378 22.61 9.61 0.64
CA GLU A 378 21.30 10.11 1.06
C GLU A 378 20.18 9.30 0.40
N ALA A 379 19.16 8.99 1.23
CA ALA A 379 17.95 8.28 0.79
C ALA A 379 17.26 9.10 -0.30
N THR A 380 16.59 8.42 -1.23
CA THR A 380 15.78 9.09 -2.23
C THR A 380 14.34 8.60 -2.17
N HIS A 381 13.45 9.42 -2.73
CA HIS A 381 11.99 9.24 -2.55
C HIS A 381 11.22 9.61 -3.82
N GLY A 382 10.10 8.94 -4.05
CA GLY A 382 9.17 9.40 -5.07
C GLY A 382 7.79 8.82 -5.02
N GLY A 383 6.91 9.47 -5.76
CA GLY A 383 5.53 9.03 -5.94
C GLY A 383 4.48 9.86 -5.23
N TRP A 384 3.27 9.86 -5.79
CA TRP A 384 2.09 10.39 -5.10
C TRP A 384 0.90 9.42 -5.11
N VAL A 385 0.65 8.74 -6.21
CA VAL A 385 -0.37 7.71 -6.21
C VAL A 385 0.03 6.60 -5.24
N PHE A 386 1.32 6.25 -5.21
CA PHE A 386 1.95 5.37 -4.24
C PHE A 386 3.24 6.07 -3.84
N ARG A 387 3.62 6.08 -2.56
CA ARG A 387 4.82 6.82 -2.16
C ARG A 387 5.65 6.03 -1.13
N GLY A 388 6.98 6.07 -1.32
CA GLY A 388 7.91 5.49 -0.39
C GLY A 388 9.33 5.82 -0.79
N PRO A 389 10.31 5.33 -0.03
CA PRO A 389 11.71 5.52 -0.44
C PRO A 389 12.06 4.67 -1.65
N LEU A 390 12.74 5.27 -2.62
CA LEU A 390 13.21 4.55 -3.81
C LEU A 390 14.53 3.86 -3.51
N SER A 391 15.28 4.44 -2.57
CA SER A 391 16.54 3.83 -2.10
C SER A 391 16.81 4.29 -0.70
N LEU A 392 17.34 3.37 0.11
CA LEU A 392 17.64 3.61 1.52
C LEU A 392 18.94 2.89 1.96
N PRO A 393 20.11 3.47 1.62
CA PRO A 393 21.39 2.90 2.10
C PRO A 393 21.54 3.05 3.60
N LEU A 394 21.87 1.94 4.24
CA LEU A 394 22.14 1.94 5.67
C LEU A 394 23.58 1.46 5.94
N VAL A 395 24.12 1.90 7.07
CA VAL A 395 25.38 1.33 7.56
C VAL A 395 25.23 0.76 8.95
N TRP A 396 26.14 -0.14 9.27
CA TRP A 396 26.15 -0.69 10.61
C TRP A 396 27.56 -1.21 10.90
N ASP A 397 27.84 -1.36 12.20
CA ASP A 397 29.15 -1.81 12.70
C ASP A 397 29.37 -3.32 12.83
N LYS A 398 28.35 -4.06 13.22
CA LYS A 398 28.48 -5.53 13.43
C LYS A 398 27.08 -6.10 13.28
N ALA A 399 26.99 -7.37 12.88
CA ALA A 399 25.68 -7.96 12.58
C ALA A 399 25.44 -9.33 13.23
N VAL A 400 24.30 -9.50 13.92
CA VAL A 400 23.94 -10.78 14.55
C VAL A 400 23.27 -11.79 13.53
N ARG A 401 21.95 -11.70 13.36
CA ARG A 401 21.21 -12.79 12.69
C ARG A 401 19.97 -12.25 12.00
CHA PP9 B . -7.58 -2.63 -0.05
CHB PP9 B . -3.97 0.01 1.77
CHC PP9 B . -1.34 -3.94 2.52
CHD PP9 B . -4.85 -6.60 0.47
NA PP9 B . -5.57 -1.58 0.90
C1A PP9 B . -6.82 -1.53 0.38
C2A PP9 B . -7.20 -0.16 0.27
C3A PP9 B . -6.19 0.58 0.81
C4A PP9 B . -5.17 -0.34 1.23
CMA PP9 B . -6.16 2.08 0.90
CAA PP9 B . -8.52 0.41 -0.30
CBA PP9 B . -9.32 1.15 0.77
CGA PP9 B . -10.47 2.03 0.25
O1A PP9 B . -10.61 2.17 -1.01
O2A PP9 B . -11.23 2.58 1.12
NB PP9 B . -2.89 -2.11 1.94
C1B PP9 B . -2.94 -0.82 2.15
C2B PP9 B . -1.79 -0.38 2.88
C3B PP9 B . -1.04 -1.50 3.15
C4B PP9 B . -1.77 -2.61 2.50
CMB PP9 B . -1.50 1.01 3.38
CAB PP9 B . 0.24 -1.72 3.89
CBB PP9 B . 0.78 -0.91 4.74
NC PP9 B . -3.26 -4.99 1.47
C1C PP9 B . -2.04 -5.03 2.05
C2C PP9 B . -1.64 -6.41 2.10
C3C PP9 B . -2.64 -7.15 1.48
C4C PP9 B . -3.64 -6.23 1.08
CMC PP9 B . -0.33 -6.92 2.70
CAC PP9 B . -2.80 -8.60 1.24
CBC PP9 B . -1.96 -9.52 1.70
ND PP9 B . -5.99 -4.43 0.41
C1D PP9 B . -5.88 -5.74 0.17
C2D PP9 B . -7.13 -6.18 -0.47
C3D PP9 B . -7.88 -5.08 -0.61
C4D PP9 B . -7.12 -3.95 -0.07
CMD PP9 B . -7.48 -7.56 -0.91
CAD PP9 B . -9.27 -5.01 -1.25
CBD PP9 B . -10.38 -5.04 -0.21
CGD PP9 B . -11.78 -4.82 -0.78
O1D PP9 B . -12.74 -5.15 -0.03
O2D PP9 B . -12.00 -4.29 -1.92
FE FE C . -4.46 -3.29 1.32
C1 EDO D . 11.94 0.49 -3.86
O1 EDO D . 11.09 1.12 -4.85
C2 EDO D . 12.99 -0.44 -4.48
O2 EDO D . 12.68 -1.85 -4.36
C1 EDO E . 31.64 -3.80 3.71
O1 EDO E . 30.63 -2.83 3.99
C2 EDO E . 30.95 -5.15 3.59
O2 EDO E . 30.77 -5.84 4.84
#